data_4AW0
#
_entry.id   4AW0
#
_cell.length_a   148.270
_cell.length_b   44.010
_cell.length_c   47.390
_cell.angle_alpha   90.00
_cell.angle_beta   101.57
_cell.angle_gamma   90.00
#
_symmetry.space_group_name_H-M   'C 1 2 1'
#
loop_
_entity.id
_entity.type
_entity.pdbx_description
1 polymer '3-PHOSPHOINOSITIDE-DEPENDENT PROTEIN KINASE 1'
2 non-polymer "ADENOSINE-5'-TRIPHOSPHATE"
3 non-polymer '[(1R)-3-(4-chlorophenyl)-3-oxo-1-phenylpropyl]propanedioic acid'
4 non-polymer 'DIMETHYL SULFOXIDE'
5 non-polymer 'MAGNESIUM ION'
6 non-polymer 'DITHIANE DIOL'
7 water water
#
_entity_poly.entity_id   1
_entity_poly.type   'polypeptide(L)'
_entity_poly.pdbx_seq_one_letter_code
;GAMDGTAAEPRPGAGSLQHAQPPPQPRKKRPEDFKFGKILGEGSFSTVVLARELATSREYAIKILEKRHIIKENKVPYVT
RERDVMSRLDHPFFVKLYFTFQDDEKLYFGLSYAKNGELLKYIRKIGSFDETCTRFYTAEIVSALEYLHGKGIIHRDLKP
ENILLNEDMHIQITDFGTAKVLSPESKQARAN(SEP)FVGTAQYVSPELLTEKSA(CME)KSSDLWALGCIIYQLVAGLP
PFRAGNEGLIFAKIIKLEYDFPEKFFPKARDLVEKLLVLDATKRLGCEEMEGYGPLKAHPFFESVTWENLHQQTPPKLT
;
_entity_poly.pdbx_strand_id   A
#
loop_
_chem_comp.id
_chem_comp.type
_chem_comp.name
_chem_comp.formula
ATP non-polymer ADENOSINE-5'-TRIPHOSPHATE 'C10 H16 N5 O13 P3'
DMS non-polymer 'DIMETHYL SULFOXIDE' 'C2 H6 O S'
DTD non-polymer 'DITHIANE DIOL' 'C4 H8 O2 S2'
MG non-polymer 'MAGNESIUM ION' 'Mg 2'
MJF non-polymer '[(1R)-3-(4-chlorophenyl)-3-oxo-1-phenylpropyl]propanedioic acid' 'C18 H15 Cl O5'
#
# COMPACT_ATOMS: atom_id res chain seq x y z
N ARG A 27 -1.89 18.57 25.75
CA ARG A 27 -2.16 17.22 25.31
C ARG A 27 -1.19 16.79 24.20
N LYS A 28 -0.70 17.76 23.43
CA LYS A 28 0.29 17.48 22.39
C LYS A 28 1.55 16.96 23.07
N LYS A 29 2.17 15.95 22.47
CA LYS A 29 3.44 15.44 22.96
C LYS A 29 4.57 16.32 22.46
N ARG A 30 5.75 16.12 23.03
CA ARG A 30 6.92 16.94 22.72
C ARG A 30 8.12 16.02 22.52
N PRO A 31 9.14 16.49 21.80
CA PRO A 31 10.31 15.63 21.58
C PRO A 31 10.91 15.10 22.88
N GLU A 32 10.93 15.91 23.93
CA GLU A 32 11.55 15.49 25.18
CA GLU A 32 11.54 15.53 25.21
C GLU A 32 10.76 14.41 25.90
N ASP A 33 9.58 14.10 25.40
CA ASP A 33 8.77 13.04 25.99
C ASP A 33 9.27 11.66 25.57
N PHE A 34 10.25 11.62 24.68
CA PHE A 34 10.72 10.37 24.10
C PHE A 34 12.22 10.19 24.26
N LYS A 35 12.65 8.93 24.28
CA LYS A 35 14.05 8.56 24.10
C LYS A 35 14.17 7.98 22.69
N PHE A 36 15.01 8.55 21.85
CA PHE A 36 15.14 8.11 20.49
CA PHE A 36 15.12 8.08 20.49
C PHE A 36 16.24 7.07 20.39
N GLY A 37 16.03 6.08 19.53
CA GLY A 37 17.02 5.03 19.30
C GLY A 37 17.42 5.00 17.85
N LYS A 38 17.51 3.80 17.31
CA LYS A 38 18.05 3.58 15.99
C LYS A 38 17.22 4.18 14.87
N ILE A 39 17.90 4.58 13.81
CA ILE A 39 17.26 4.99 12.59
C ILE A 39 16.65 3.75 11.93
N LEU A 40 15.37 3.83 11.62
CA LEU A 40 14.67 2.73 10.98
C LEU A 40 14.76 2.84 9.47
N GLY A 41 14.84 4.06 8.98
CA GLY A 41 14.95 4.29 7.55
C GLY A 41 14.95 5.75 7.20
N GLU A 42 15.18 6.07 5.93
CA GLU A 42 15.23 7.46 5.52
C GLU A 42 14.55 7.57 4.17
N GLY A 43 13.84 8.68 3.96
CA GLY A 43 13.28 8.98 2.68
C GLY A 43 13.89 10.25 2.17
N SER A 44 13.46 10.70 0.99
CA SER A 44 14.01 11.91 0.42
C SER A 44 13.80 13.14 1.32
N PHE A 45 12.77 13.11 2.16
CA PHE A 45 12.42 14.27 2.98
C PHE A 45 12.23 13.94 4.45
N SER A 46 12.72 12.79 4.87
CA SER A 46 12.35 12.29 6.18
C SER A 46 13.33 11.30 6.76
N THR A 47 13.24 11.14 8.08
CA THR A 47 14.01 10.13 8.78
C THR A 47 13.00 9.50 9.73
N VAL A 48 12.98 8.16 9.77
CA VAL A 48 12.10 7.46 10.72
C VAL A 48 12.99 6.83 11.77
N VAL A 49 12.71 7.15 13.02
CA VAL A 49 13.54 6.72 14.14
CA VAL A 49 13.52 6.72 14.13
C VAL A 49 12.70 5.96 15.16
N LEU A 50 13.25 4.88 15.70
CA LEU A 50 12.59 4.16 16.77
C LEU A 50 12.64 5.01 18.04
N ALA A 51 11.54 5.08 18.76
CA ALA A 51 11.46 5.90 19.96
C ALA A 51 10.69 5.19 21.05
N ARG A 52 11.08 5.45 22.28
CA ARG A 52 10.31 4.99 23.44
C ARG A 52 9.74 6.20 24.16
N GLU A 53 8.44 6.17 24.44
CA GLU A 53 7.83 7.24 25.20
C GLU A 53 8.14 7.05 26.67
N LEU A 54 8.75 8.04 27.31
CA LEU A 54 9.28 7.85 28.65
C LEU A 54 8.20 7.51 29.66
N ALA A 55 7.05 8.16 29.56
CA ALA A 55 5.98 8.01 30.58
C ALA A 55 5.23 6.67 30.49
N THR A 56 5.30 5.99 29.35
CA THR A 56 4.54 4.75 29.15
C THR A 56 5.41 3.54 28.80
N SER A 57 6.64 3.81 28.35
CA SER A 57 7.54 2.80 27.76
C SER A 57 7.08 2.18 26.45
N ARG A 58 6.07 2.77 25.83
CA ARG A 58 5.68 2.30 24.50
CA ARG A 58 5.60 2.36 24.50
C ARG A 58 6.65 2.69 23.45
N GLU A 59 6.80 1.79 22.46
CA GLU A 59 7.65 1.99 21.32
C GLU A 59 6.82 2.52 20.17
N TYR A 60 7.37 3.50 19.48
CA TYR A 60 6.80 4.03 18.26
C TYR A 60 7.85 4.22 17.20
N ALA A 61 7.46 4.20 15.95
CA ALA A 61 8.31 4.70 14.89
C ALA A 61 7.93 6.16 14.68
N ILE A 62 8.89 7.06 14.85
CA ILE A 62 8.57 8.47 14.70
C ILE A 62 9.20 8.96 13.39
N LYS A 63 8.35 9.42 12.50
CA LYS A 63 8.80 10.01 11.24
C LYS A 63 9.03 11.49 11.43
N ILE A 64 10.23 11.95 11.07
CA ILE A 64 10.65 13.31 11.37
C ILE A 64 10.98 14.04 10.07
N LEU A 65 10.40 15.21 9.89
CA LEU A 65 10.62 16.03 8.70
CA LEU A 65 10.66 16.01 8.70
C LEU A 65 11.22 17.37 9.09
N GLU A 66 12.03 17.95 8.20
CA GLU A 66 12.59 19.29 8.42
C GLU A 66 11.68 20.32 7.77
N LYS A 67 11.16 21.25 8.56
CA LYS A 67 10.26 22.26 8.01
C LYS A 67 10.89 23.03 6.86
N ARG A 68 12.17 23.35 6.97
CA ARG A 68 12.80 24.18 5.96
C ARG A 68 12.85 23.47 4.61
N HIS A 69 13.03 22.15 4.66
CA HIS A 69 13.17 21.34 3.47
C HIS A 69 11.80 21.08 2.85
N ILE A 70 10.83 20.82 3.72
CA ILE A 70 9.44 20.65 3.32
C ILE A 70 8.93 21.89 2.58
N ILE A 71 9.30 23.06 3.07
CA ILE A 71 8.83 24.30 2.48
C ILE A 71 9.51 24.50 1.13
N LYS A 72 10.83 24.28 1.08
CA LYS A 72 11.58 24.49 -0.14
C LYS A 72 11.14 23.57 -1.27
N GLU A 73 10.91 22.29 -0.95
CA GLU A 73 10.56 21.31 -1.96
C GLU A 73 9.05 21.24 -2.23
N ASN A 74 8.32 22.24 -1.77
CA ASN A 74 6.89 22.36 -2.06
C ASN A 74 6.10 21.17 -1.50
N LYS A 75 6.47 20.69 -0.32
CA LYS A 75 5.91 19.45 0.22
C LYS A 75 4.85 19.63 1.33
N VAL A 76 4.52 20.87 1.66
CA VAL A 76 3.63 21.14 2.78
C VAL A 76 2.29 20.41 2.67
N PRO A 77 1.65 20.51 1.49
CA PRO A 77 0.34 19.85 1.37
C PRO A 77 0.43 18.34 1.58
N TYR A 78 1.57 17.73 1.24
CA TYR A 78 1.70 16.28 1.38
C TYR A 78 1.79 15.87 2.86
N VAL A 79 2.43 16.71 3.67
CA VAL A 79 2.50 16.51 5.11
C VAL A 79 1.13 16.55 5.76
N THR A 80 0.35 17.59 5.46
CA THR A 80 -0.99 17.70 6.02
CA THR A 80 -0.98 17.67 6.04
C THR A 80 -1.88 16.57 5.50
N ARG A 81 -1.72 16.19 4.24
CA ARG A 81 -2.50 15.09 3.66
CA ARG A 81 -2.54 15.10 3.71
C ARG A 81 -2.21 13.78 4.37
N GLU A 82 -0.94 13.51 4.64
CA GLU A 82 -0.58 12.28 5.31
CA GLU A 82 -0.59 12.29 5.30
C GLU A 82 -1.27 12.20 6.68
N ARG A 83 -1.21 13.30 7.44
CA ARG A 83 -1.88 13.35 8.73
C ARG A 83 -3.39 13.14 8.62
N ASP A 84 -4.02 13.91 7.73
CA ASP A 84 -5.47 13.89 7.62
C ASP A 84 -5.99 12.53 7.16
N VAL A 85 -5.32 11.91 6.19
CA VAL A 85 -5.77 10.62 5.69
C VAL A 85 -5.58 9.57 6.78
N MET A 86 -4.40 9.52 7.40
CA MET A 86 -4.17 8.50 8.41
C MET A 86 -5.08 8.67 9.62
N SER A 87 -5.48 9.89 9.92
CA SER A 87 -6.37 10.14 11.06
CA SER A 87 -6.35 10.13 11.07
C SER A 87 -7.72 9.45 10.89
N ARG A 88 -8.03 9.07 9.66
CA ARG A 88 -9.33 8.47 9.38
C ARG A 88 -9.29 6.95 9.50
N LEU A 89 -8.09 6.38 9.62
CA LEU A 89 -7.93 4.95 9.50
C LEU A 89 -7.80 4.30 10.85
N ASP A 90 -8.36 3.12 10.96
CA ASP A 90 -8.39 2.37 12.19
CA ASP A 90 -8.35 2.40 12.24
C ASP A 90 -8.72 0.95 11.76
C ASP A 90 -8.46 0.86 12.13
N HIS A 91 -7.68 0.26 11.28
N HIS A 91 -7.70 0.29 11.21
CA HIS A 91 -7.83 -1.09 10.76
C HIS A 91 -6.51 -1.81 11.00
N PRO A 92 -6.54 -3.11 11.32
CA PRO A 92 -5.32 -3.87 11.67
C PRO A 92 -4.22 -3.93 10.60
N PHE A 93 -4.56 -3.78 9.33
CA PHE A 93 -3.61 -3.92 8.25
C PHE A 93 -2.99 -2.60 7.76
N PHE A 94 -3.14 -1.54 8.56
CA PHE A 94 -2.52 -0.24 8.26
C PHE A 94 -1.69 0.23 9.41
N VAL A 95 -0.53 0.81 9.10
CA VAL A 95 0.22 1.54 10.14
C VAL A 95 -0.75 2.55 10.76
N LYS A 96 -0.71 2.64 12.10
CA LYS A 96 -1.55 3.57 12.83
C LYS A 96 -0.80 4.87 13.13
N LEU A 97 -1.46 6.00 12.95
CA LEU A 97 -0.93 7.28 13.39
C LEU A 97 -1.51 7.60 14.75
N TYR A 98 -0.66 7.58 15.75
CA TYR A 98 -1.11 7.85 17.13
C TYR A 98 -1.16 9.34 17.50
N PHE A 99 -0.23 10.11 16.97
CA PHE A 99 -0.14 11.53 17.32
C PHE A 99 0.78 12.26 16.36
N THR A 100 0.66 13.58 16.34
CA THR A 100 1.54 14.46 15.60
C THR A 100 1.94 15.59 16.54
N PHE A 101 3.11 16.15 16.29
CA PHE A 101 3.52 17.37 16.96
C PHE A 101 4.61 18.05 16.17
N GLN A 102 5.04 19.21 16.64
CA GLN A 102 6.03 19.98 15.92
C GLN A 102 6.81 20.83 16.90
N ASP A 103 7.92 21.38 16.42
CA ASP A 103 8.59 22.41 17.18
C ASP A 103 9.05 23.45 16.17
N ASP A 104 10.04 24.27 16.51
CA ASP A 104 10.42 25.36 15.64
C ASP A 104 11.00 24.88 14.31
N GLU A 105 11.69 23.74 14.30
CA GLU A 105 12.38 23.28 13.10
C GLU A 105 11.79 22.01 12.46
N LYS A 106 11.04 21.23 13.22
CA LYS A 106 10.71 19.87 12.80
C LYS A 106 9.24 19.50 12.90
N LEU A 107 8.84 18.55 12.07
CA LEU A 107 7.55 17.92 12.11
C LEU A 107 7.69 16.46 12.54
N TYR A 108 6.79 15.99 13.40
CA TYR A 108 6.85 14.62 13.92
C TYR A 108 5.52 13.87 13.80
N PHE A 109 5.59 12.67 13.26
CA PHE A 109 4.46 11.73 13.22
C PHE A 109 4.75 10.54 14.11
N GLY A 110 3.89 10.26 15.08
CA GLY A 110 4.07 9.04 15.89
C GLY A 110 3.30 7.87 15.34
N LEU A 111 4.02 6.85 14.86
CA LEU A 111 3.42 5.74 14.12
C LEU A 111 3.64 4.39 14.81
N SER A 112 2.78 3.42 14.50
CA SER A 112 3.06 2.09 15.03
C SER A 112 4.34 1.57 14.38
N TYR A 113 5.16 0.90 15.16
CA TYR A 113 6.42 0.35 14.69
C TYR A 113 6.23 -0.98 14.00
N ALA A 114 6.58 -1.06 12.72
CA ALA A 114 6.49 -2.32 11.98
C ALA A 114 7.87 -2.96 12.03
N LYS A 115 8.06 -3.82 13.02
CA LYS A 115 9.38 -4.38 13.36
C LYS A 115 10.07 -5.13 12.23
N ASN A 116 9.29 -5.72 11.32
CA ASN A 116 9.87 -6.57 10.30
C ASN A 116 10.05 -5.90 8.94
N GLY A 117 9.76 -4.61 8.89
CA GLY A 117 10.17 -3.80 7.74
C GLY A 117 9.32 -4.07 6.51
N GLU A 118 9.92 -3.87 5.34
CA GLU A 118 9.22 -3.90 4.08
C GLU A 118 9.00 -5.29 3.49
N LEU A 119 7.80 -5.52 2.93
CA LEU A 119 7.53 -6.76 2.18
C LEU A 119 8.56 -6.97 1.06
N LEU A 120 8.97 -5.88 0.43
CA LEU A 120 9.94 -5.98 -0.65
C LEU A 120 11.21 -6.74 -0.24
N LYS A 121 11.69 -6.54 0.98
CA LYS A 121 12.91 -7.18 1.43
C LYS A 121 12.77 -8.70 1.32
N TYR A 122 11.58 -9.20 1.62
CA TYR A 122 11.35 -10.63 1.63
C TYR A 122 11.24 -11.17 0.22
N ILE A 123 10.62 -10.41 -0.67
CA ILE A 123 10.59 -10.84 -2.07
C ILE A 123 12.01 -10.97 -2.64
N ARG A 124 12.86 -9.99 -2.37
CA ARG A 124 14.23 -10.02 -2.89
CA ARG A 124 14.23 -10.02 -2.89
C ARG A 124 15.05 -11.18 -2.33
N LYS A 125 14.91 -11.44 -1.04
CA LYS A 125 15.72 -12.47 -0.40
C LYS A 125 15.31 -13.88 -0.82
N ILE A 126 14.01 -14.16 -0.83
CA ILE A 126 13.48 -15.49 -1.14
CA ILE A 126 13.61 -15.52 -1.16
C ILE A 126 13.27 -15.68 -2.64
N GLY A 127 13.07 -14.59 -3.35
CA GLY A 127 12.96 -14.65 -4.79
C GLY A 127 11.53 -14.72 -5.25
N SER A 128 10.74 -15.50 -4.54
N SER A 128 10.77 -15.66 -4.67
CA SER A 128 9.33 -15.47 -4.76
CA SER A 128 9.41 -16.03 -5.12
C SER A 128 8.67 -16.22 -3.64
C SER A 128 8.58 -16.72 -4.00
N PHE A 129 7.35 -16.10 -3.61
N PHE A 129 7.42 -16.15 -3.63
CA PHE A 129 6.55 -16.77 -2.59
C PHE A 129 5.86 -18.01 -3.14
N ASP A 130 5.73 -19.00 -2.28
CA ASP A 130 4.92 -20.18 -2.63
C ASP A 130 3.44 -19.80 -2.66
N GLU A 131 2.58 -20.75 -3.03
CA GLU A 131 1.19 -20.42 -3.27
C GLU A 131 0.51 -20.05 -1.99
N THR A 132 0.79 -20.76 -0.91
CA THR A 132 0.16 -20.47 0.38
C THR A 132 0.51 -19.08 0.87
N CYS A 133 1.78 -18.70 0.76
CA CYS A 133 2.20 -17.37 1.19
C CYS A 133 1.69 -16.28 0.26
N THR A 134 1.72 -16.52 -1.04
CA THR A 134 1.11 -15.59 -1.98
C THR A 134 -0.36 -15.39 -1.66
N ARG A 135 -1.10 -16.47 -1.46
CA ARG A 135 -2.53 -16.35 -1.14
C ARG A 135 -2.77 -15.56 0.14
N PHE A 136 -2.00 -15.86 1.19
CA PHE A 136 -2.22 -15.20 2.48
C PHE A 136 -1.97 -13.72 2.44
N TYR A 137 -0.83 -13.32 1.87
CA TYR A 137 -0.49 -11.94 1.85
C TYR A 137 -1.38 -11.18 0.85
N THR A 138 -1.75 -11.82 -0.25
CA THR A 138 -2.67 -11.19 -1.19
C THR A 138 -4.02 -10.96 -0.49
N ALA A 139 -4.50 -11.95 0.24
CA ALA A 139 -5.75 -11.84 0.98
C ALA A 139 -5.70 -10.67 1.96
N GLU A 140 -4.60 -10.54 2.71
CA GLU A 140 -4.53 -9.39 3.62
C GLU A 140 -4.58 -8.07 2.86
N ILE A 141 -3.91 -7.96 1.73
CA ILE A 141 -3.95 -6.73 0.96
C ILE A 141 -5.36 -6.46 0.44
N VAL A 142 -6.04 -7.50 -0.06
CA VAL A 142 -7.44 -7.35 -0.47
C VAL A 142 -8.31 -6.83 0.66
N SER A 143 -8.17 -7.42 1.85
CA SER A 143 -8.97 -7.01 2.97
CA SER A 143 -8.94 -7.03 3.00
C SER A 143 -8.68 -5.57 3.33
N ALA A 144 -7.40 -5.19 3.28
CA ALA A 144 -7.04 -3.81 3.56
C ALA A 144 -7.64 -2.83 2.56
N LEU A 145 -7.58 -3.18 1.27
CA LEU A 145 -8.12 -2.29 0.26
C LEU A 145 -9.63 -2.22 0.34
N GLU A 146 -10.28 -3.32 0.69
CA GLU A 146 -11.75 -3.26 0.91
C GLU A 146 -12.13 -2.20 1.96
N TYR A 147 -11.36 -2.19 3.05
CA TYR A 147 -11.57 -1.21 4.11
C TYR A 147 -11.28 0.22 3.59
N LEU A 148 -10.12 0.37 2.95
CA LEU A 148 -9.70 1.71 2.53
C LEU A 148 -10.67 2.30 1.52
N HIS A 149 -11.01 1.49 0.51
CA HIS A 149 -11.93 1.96 -0.52
C HIS A 149 -13.35 2.16 0.03
N GLY A 150 -13.69 1.37 1.04
CA GLY A 150 -14.94 1.58 1.74
C GLY A 150 -15.08 2.92 2.44
N LYS A 151 -13.94 3.49 2.79
CA LYS A 151 -13.88 4.82 3.38
C LYS A 151 -13.75 5.90 2.30
N GLY A 152 -13.80 5.51 1.02
CA GLY A 152 -13.68 6.47 -0.06
C GLY A 152 -12.26 7.03 -0.19
N ILE A 153 -11.26 6.23 0.17
CA ILE A 153 -9.86 6.67 0.10
C ILE A 153 -9.10 5.79 -0.88
N ILE A 154 -8.33 6.41 -1.77
CA ILE A 154 -7.47 5.73 -2.78
CA ILE A 154 -7.49 5.64 -2.65
C ILE A 154 -6.02 5.87 -2.31
N HIS A 155 -5.22 4.81 -2.42
CA HIS A 155 -3.85 4.88 -1.94
C HIS A 155 -2.93 5.54 -3.00
N ARG A 156 -2.98 5.01 -4.21
CA ARG A 156 -2.30 5.53 -5.40
C ARG A 156 -0.81 5.19 -5.51
N ASP A 157 -0.20 4.70 -4.44
CA ASP A 157 1.19 4.27 -4.51
C ASP A 157 1.40 2.94 -3.82
N LEU A 158 0.50 2.00 -4.10
CA LEU A 158 0.61 0.68 -3.53
CA LEU A 158 0.60 0.65 -3.55
C LEU A 158 1.73 -0.10 -4.22
N LYS A 159 2.60 -0.67 -3.41
CA LYS A 159 3.79 -1.38 -3.90
C LYS A 159 4.43 -2.08 -2.70
N PRO A 160 5.25 -3.13 -2.92
CA PRO A 160 5.83 -3.85 -1.77
C PRO A 160 6.62 -3.00 -0.78
N GLU A 161 7.27 -1.94 -1.20
CA GLU A 161 8.01 -1.06 -0.30
CA GLU A 161 8.03 -1.16 -0.22
C GLU A 161 7.09 -0.38 0.70
N ASN A 162 5.82 -0.22 0.31
CA ASN A 162 4.85 0.45 1.15
C ASN A 162 3.94 -0.51 1.92
N ILE A 163 4.28 -1.79 1.91
CA ILE A 163 3.58 -2.78 2.70
C ILE A 163 4.55 -3.29 3.73
N LEU A 164 4.44 -2.76 4.95
CA LEU A 164 5.36 -3.13 6.00
C LEU A 164 4.82 -4.39 6.72
N LEU A 165 5.63 -4.96 7.61
CA LEU A 165 5.26 -6.17 8.28
C LEU A 165 5.50 -5.98 9.77
N ASN A 166 4.51 -6.28 10.58
CA ASN A 166 4.68 -6.14 12.02
C ASN A 166 5.40 -7.34 12.64
N GLU A 167 5.53 -7.35 13.97
CA GLU A 167 6.29 -8.39 14.66
C GLU A 167 5.68 -9.76 14.41
N ASP A 168 4.35 -9.79 14.19
CA ASP A 168 3.65 -11.04 13.94
C ASP A 168 3.58 -11.43 12.45
N MET A 169 4.23 -10.64 11.60
CA MET A 169 4.29 -10.82 10.15
C MET A 169 2.95 -10.58 9.45
N HIS A 170 2.09 -9.81 10.08
CA HIS A 170 0.93 -9.28 9.34
C HIS A 170 1.27 -7.97 8.65
N ILE A 171 0.55 -7.67 7.56
CA ILE A 171 0.87 -6.45 6.83
C ILE A 171 0.46 -5.17 7.54
N GLN A 172 1.20 -4.10 7.26
CA GLN A 172 0.91 -2.78 7.78
C GLN A 172 1.14 -1.80 6.64
N ILE A 173 0.09 -1.46 5.91
CA ILE A 173 0.27 -0.60 4.76
C ILE A 173 0.57 0.83 5.23
N THR A 174 1.49 1.48 4.51
CA THR A 174 1.98 2.80 4.85
C THR A 174 2.04 3.74 3.63
N ASP A 175 2.43 4.99 3.89
CA ASP A 175 2.76 6.01 2.89
C ASP A 175 1.49 6.63 2.31
N PHE A 176 0.87 7.50 3.10
CA PHE A 176 -0.41 8.09 2.73
C PHE A 176 -0.33 9.55 2.31
N GLY A 177 0.85 10.09 2.13
CA GLY A 177 0.97 11.47 1.72
C GLY A 177 0.52 11.68 0.28
N THR A 178 0.47 10.60 -0.49
CA THR A 178 -0.03 10.70 -1.85
C THR A 178 -1.36 9.99 -2.01
N ALA A 179 -2.02 9.70 -0.89
CA ALA A 179 -3.37 9.12 -0.93
C ALA A 179 -4.39 10.23 -1.17
N LYS A 180 -5.62 9.87 -1.47
CA LYS A 180 -6.65 10.85 -1.77
C LYS A 180 -7.95 10.45 -1.14
N VAL A 181 -8.60 11.36 -0.41
CA VAL A 181 -9.91 11.10 0.12
C VAL A 181 -10.88 11.59 -0.94
N LEU A 182 -11.66 10.68 -1.47
CA LEU A 182 -12.66 11.02 -2.46
C LEU A 182 -13.85 11.57 -1.72
N SER A 183 -14.41 12.64 -2.25
CA SER A 183 -15.45 13.33 -1.55
C SER A 183 -16.79 12.59 -1.64
N PRO A 184 -17.41 12.27 -0.50
CA PRO A 184 -18.73 11.64 -0.54
C PRO A 184 -19.79 12.60 -1.06
N GLU A 185 -19.62 13.87 -0.72
CA GLU A 185 -20.60 14.92 -1.02
C GLU A 185 -20.84 15.05 -2.52
N SER A 186 -19.81 14.79 -3.32
CA SER A 186 -19.91 14.91 -4.78
C SER A 186 -19.88 13.54 -5.46
N LYS A 187 -19.90 12.46 -4.66
CA LYS A 187 -19.84 11.11 -5.21
C LYS A 187 -18.63 10.99 -6.11
N GLN A 188 -17.54 11.64 -5.70
CA GLN A 188 -16.29 11.63 -6.46
C GLN A 188 -15.76 10.23 -6.64
N ALA A 189 -15.40 9.89 -7.87
CA ALA A 189 -14.82 8.60 -8.18
C ALA A 189 -13.38 8.76 -8.68
N ARG A 190 -13.09 9.89 -9.31
CA ARG A 190 -11.76 10.10 -9.92
C ARG A 190 -10.98 11.25 -9.27
N ALA A 191 -9.65 11.08 -9.20
CA ALA A 191 -8.72 12.05 -8.62
C ALA A 191 -7.67 12.44 -9.66
N ASN A 192 -7.22 13.70 -9.65
CA ASN A 192 -6.46 14.26 -10.78
C ASN A 192 -4.96 14.47 -10.58
N SEP A 193 -4.46 14.28 -9.38
CA SEP A 193 -3.02 14.47 -9.16
CB SEP A 193 -2.70 14.60 -7.68
OG SEP A 193 -3.38 15.74 -7.20
C SEP A 193 -2.22 13.33 -9.75
O SEP A 193 -2.64 12.15 -9.68
P SEP A 193 -4.43 15.27 -6.10
O1P SEP A 193 -5.14 16.64 -5.69
O2P SEP A 193 -5.49 14.23 -6.73
O3P SEP A 193 -3.73 14.67 -4.78
H SEP A 193 -4.90 14.07 -8.68
HA SEP A 193 -2.74 15.30 -9.61
HB2 SEP A 193 -3.02 13.82 -7.21
HB3 SEP A 193 -1.75 14.71 -7.57
N PHE A 194 -1.07 13.68 -10.29
CA PHE A 194 -0.19 12.70 -10.88
C PHE A 194 0.86 12.24 -9.87
N VAL A 195 0.59 11.09 -9.29
CA VAL A 195 1.42 10.51 -8.22
C VAL A 195 1.51 9.01 -8.45
N GLY A 196 2.51 8.38 -7.88
CA GLY A 196 2.67 6.96 -8.02
C GLY A 196 4.10 6.57 -8.23
N THR A 197 4.28 5.32 -8.62
CA THR A 197 5.58 4.72 -8.92
C THR A 197 5.45 4.01 -10.25
N ALA A 198 6.39 4.20 -11.16
CA ALA A 198 6.17 3.79 -12.55
C ALA A 198 5.80 2.33 -12.72
N GLN A 199 6.44 1.41 -11.99
CA GLN A 199 6.14 -0.01 -12.18
C GLN A 199 4.69 -0.36 -11.87
N TYR A 200 4.04 0.44 -11.01
CA TYR A 200 2.72 0.08 -10.49
C TYR A 200 1.62 1.05 -10.93
N VAL A 201 1.97 2.06 -11.69
CA VAL A 201 1.03 3.10 -12.09
CA VAL A 201 1.00 3.08 -12.09
C VAL A 201 0.02 2.53 -13.10
N SER A 202 -1.23 2.98 -12.99
CA SER A 202 -2.28 2.44 -13.82
C SER A 202 -2.34 3.09 -15.20
N PRO A 203 -2.89 2.38 -16.18
CA PRO A 203 -2.97 2.96 -17.51
C PRO A 203 -3.88 4.17 -17.59
N GLU A 204 -4.92 4.20 -16.77
CA GLU A 204 -5.81 5.33 -16.78
C GLU A 204 -5.10 6.58 -16.27
N LEU A 205 -4.20 6.45 -15.32
CA LEU A 205 -3.51 7.66 -14.87
C LEU A 205 -2.63 8.17 -16.00
N LEU A 206 -1.96 7.27 -16.72
CA LEU A 206 -1.12 7.67 -17.84
C LEU A 206 -1.89 8.26 -19.02
N THR A 207 -3.04 7.69 -19.36
CA THR A 207 -3.73 8.10 -20.58
C THR A 207 -4.88 9.08 -20.36
N GLU A 208 -5.59 8.94 -19.25
CA GLU A 208 -6.73 9.84 -18.97
C GLU A 208 -6.35 10.91 -17.94
N LYS A 209 -5.20 10.73 -17.32
CA LYS A 209 -4.70 11.67 -16.31
C LYS A 209 -5.55 11.70 -15.05
N SER A 210 -6.22 10.60 -14.74
CA SER A 210 -6.97 10.47 -13.49
CA SER A 210 -6.86 10.49 -13.43
C SER A 210 -6.80 9.07 -12.91
N ALA A 211 -6.92 8.92 -11.60
CA ALA A 211 -6.91 7.61 -10.96
C ALA A 211 -8.20 7.45 -10.17
N CME A 212 -8.49 6.21 -9.82
CA CME A 212 -9.74 5.93 -9.07
CB CME A 212 -10.92 5.67 -10.03
SG CME A 212 -10.57 4.28 -11.16
SD CME A 212 -12.00 4.44 -12.59
C CME A 212 -9.45 4.72 -8.21
O CME A 212 -8.33 4.21 -8.18
N LYS A 213 -10.46 4.22 -7.50
CA LYS A 213 -10.19 3.07 -6.64
C LYS A 213 -9.61 1.88 -7.41
N SER A 214 -10.08 1.68 -8.64
CA SER A 214 -9.63 0.58 -9.49
CA SER A 214 -9.59 0.53 -9.40
C SER A 214 -8.12 0.67 -9.79
N SER A 215 -7.57 1.89 -9.72
CA SER A 215 -6.12 2.05 -9.94
C SER A 215 -5.32 1.27 -8.90
N ASP A 216 -5.84 1.19 -7.69
CA ASP A 216 -5.16 0.44 -6.65
C ASP A 216 -5.31 -1.08 -6.93
N LEU A 217 -6.40 -1.51 -7.59
CA LEU A 217 -6.55 -2.91 -8.01
C LEU A 217 -5.58 -3.28 -9.11
N TRP A 218 -5.25 -2.34 -9.98
CA TRP A 218 -4.19 -2.60 -10.94
C TRP A 218 -2.86 -2.83 -10.21
N ALA A 219 -2.54 -1.95 -9.25
CA ALA A 219 -1.29 -2.14 -8.48
C ALA A 219 -1.32 -3.50 -7.77
N LEU A 220 -2.46 -3.91 -7.24
CA LEU A 220 -2.55 -5.21 -6.60
C LEU A 220 -2.22 -6.31 -7.59
N GLY A 221 -2.72 -6.20 -8.83
CA GLY A 221 -2.40 -7.20 -9.82
C GLY A 221 -0.89 -7.29 -10.06
N CYS A 222 -0.24 -6.14 -10.12
CA CYS A 222 1.21 -6.10 -10.27
C CYS A 222 1.92 -6.74 -9.08
N ILE A 223 1.41 -6.47 -7.87
CA ILE A 223 2.02 -7.05 -6.67
C ILE A 223 1.88 -8.58 -6.64
N ILE A 224 0.71 -9.11 -6.94
CA ILE A 224 0.51 -10.55 -6.97
C ILE A 224 1.49 -11.18 -7.95
N TYR A 225 1.58 -10.60 -9.14
CA TYR A 225 2.53 -11.09 -10.13
C TYR A 225 3.95 -11.10 -9.57
N GLN A 226 4.34 -10.02 -8.94
CA GLN A 226 5.67 -9.91 -8.37
C GLN A 226 5.94 -10.94 -7.27
N LEU A 227 4.96 -11.22 -6.42
CA LEU A 227 5.15 -12.21 -5.35
C LEU A 227 5.46 -13.56 -5.97
N VAL A 228 4.81 -13.89 -7.09
CA VAL A 228 5.00 -15.21 -7.72
C VAL A 228 6.21 -15.26 -8.65
N ALA A 229 6.38 -14.22 -9.45
CA ALA A 229 7.36 -14.23 -10.54
C ALA A 229 8.69 -13.68 -10.08
N GLY A 230 8.71 -12.90 -8.99
CA GLY A 230 9.94 -12.33 -8.46
C GLY A 230 10.26 -10.91 -8.89
N LEU A 231 9.57 -10.43 -9.93
CA LEU A 231 9.68 -9.06 -10.43
C LEU A 231 8.29 -8.61 -10.85
N PRO A 232 8.04 -7.31 -10.84
CA PRO A 232 6.75 -6.83 -11.33
C PRO A 232 6.66 -6.97 -12.85
N PRO A 233 5.44 -6.94 -13.40
CA PRO A 233 5.22 -7.40 -14.78
C PRO A 233 5.71 -6.44 -15.86
N PHE A 234 5.71 -5.14 -15.57
CA PHE A 234 6.17 -4.09 -16.50
C PHE A 234 7.45 -3.51 -15.89
N ARG A 235 8.55 -3.73 -16.55
CA ARG A 235 9.82 -3.38 -15.94
C ARG A 235 10.75 -2.96 -17.04
N ALA A 236 11.60 -2.01 -16.71
CA ALA A 236 12.57 -1.47 -17.66
C ALA A 236 13.46 -0.52 -16.88
N GLY A 237 14.60 -0.14 -17.47
CA GLY A 237 15.59 0.72 -16.84
C GLY A 237 15.25 2.22 -17.00
C GLY A 237 15.12 2.07 -16.45
N ASN A 238 14.11 2.52 -17.62
N ASN A 238 14.07 2.51 -17.11
CA ASN A 238 13.68 3.90 -17.89
CA ASN A 238 13.62 3.83 -16.89
C ASN A 238 12.15 3.97 -17.71
C ASN A 238 12.12 3.85 -16.99
N GLU A 239 11.64 4.96 -16.98
N GLU A 239 11.58 5.02 -16.90
CA GLU A 239 10.18 5.10 -16.69
C GLU A 239 9.39 5.14 -17.98
N GLY A 240 9.88 5.84 -18.98
CA GLY A 240 9.12 5.95 -20.20
C GLY A 240 8.90 4.63 -20.88
N LEU A 241 9.90 3.76 -20.84
CA LEU A 241 9.79 2.42 -21.39
C LEU A 241 8.72 1.61 -20.65
N ILE A 242 8.63 1.78 -19.34
CA ILE A 242 7.61 1.09 -18.54
C ILE A 242 6.23 1.60 -18.95
N PHE A 243 6.08 2.93 -19.08
CA PHE A 243 4.78 3.48 -19.43
C PHE A 243 4.31 2.91 -20.78
N ALA A 244 5.22 2.80 -21.74
CA ALA A 244 4.81 2.31 -23.03
C ALA A 244 4.27 0.88 -22.95
N LYS A 245 4.85 0.07 -22.08
CA LYS A 245 4.38 -1.30 -21.92
C LYS A 245 3.05 -1.36 -21.20
N ILE A 246 2.89 -0.51 -20.19
CA ILE A 246 1.65 -0.53 -19.43
C ILE A 246 0.46 -0.26 -20.34
N ILE A 247 0.58 0.74 -21.19
CA ILE A 247 -0.58 1.17 -21.97
CA ILE A 247 -0.49 1.23 -22.05
C ILE A 247 -0.90 0.18 -23.09
N LYS A 248 0.05 -0.68 -23.43
N LYS A 248 0.05 -0.66 -23.45
CA LYS A 248 -0.18 -1.75 -24.39
C LYS A 248 -0.54 -3.09 -23.75
C LYS A 248 -0.49 -3.10 -23.75
N LEU A 249 -0.52 -3.14 -22.42
CA LEU A 249 -0.68 -4.39 -21.68
C LEU A 249 0.37 -5.40 -22.16
N GLU A 250 1.60 -4.92 -22.28
CA GLU A 250 2.70 -5.74 -22.78
C GLU A 250 3.44 -6.40 -21.63
N TYR A 251 3.04 -7.63 -21.32
CA TYR A 251 3.69 -8.44 -20.30
C TYR A 251 3.39 -9.90 -20.58
N ASP A 252 4.14 -10.78 -19.93
CA ASP A 252 3.97 -12.22 -20.07
CA ASP A 252 3.85 -12.19 -20.03
C ASP A 252 4.15 -12.90 -18.72
N PHE A 253 3.59 -14.09 -18.60
CA PHE A 253 3.80 -14.91 -17.42
C PHE A 253 4.93 -15.89 -17.61
N PRO A 254 5.75 -16.07 -16.56
CA PRO A 254 6.73 -17.17 -16.60
C PRO A 254 6.05 -18.52 -16.56
N GLU A 255 6.81 -19.53 -16.96
CA GLU A 255 6.50 -20.92 -16.55
CA GLU A 255 6.21 -20.75 -17.54
C GLU A 255 6.17 -21.15 -15.05
C GLU A 255 5.47 -21.47 -16.44
N LYS A 256 5.23 -22.06 -14.81
N LYS A 256 6.07 -21.41 -15.25
CA LYS A 256 4.92 -22.56 -13.47
CA LYS A 256 5.43 -21.90 -14.05
C LYS A 256 4.13 -21.59 -12.62
C LYS A 256 4.96 -20.70 -13.26
N PHE A 257 3.79 -20.43 -13.17
N PHE A 257 3.65 -20.52 -13.23
CA PHE A 257 2.97 -19.46 -12.45
CA PHE A 257 2.98 -19.48 -12.47
C PHE A 257 1.65 -20.12 -12.03
N PHE A 258 1.37 -20.13 -10.73
CA PHE A 258 0.17 -20.83 -10.20
C PHE A 258 -1.04 -20.45 -11.05
N PRO A 259 -1.71 -21.45 -11.64
CA PRO A 259 -2.76 -21.10 -12.61
C PRO A 259 -3.90 -20.23 -12.07
N LYS A 260 -4.36 -20.46 -10.84
CA LYS A 260 -5.46 -19.64 -10.34
C LYS A 260 -4.98 -18.20 -10.06
N ALA A 261 -3.71 -18.06 -9.69
CA ALA A 261 -3.11 -16.74 -9.52
C ALA A 261 -3.01 -16.05 -10.86
N ARG A 262 -2.63 -16.78 -11.90
CA ARG A 262 -2.55 -16.17 -13.22
C ARG A 262 -3.92 -15.66 -13.66
N ASP A 263 -4.95 -16.48 -13.47
CA ASP A 263 -6.28 -16.03 -13.83
C ASP A 263 -6.66 -14.75 -13.06
N LEU A 264 -6.34 -14.71 -11.77
CA LEU A 264 -6.66 -13.53 -10.96
C LEU A 264 -5.91 -12.31 -11.51
N VAL A 265 -4.61 -12.45 -11.74
CA VAL A 265 -3.86 -11.34 -12.29
C VAL A 265 -4.47 -10.87 -13.60
N GLU A 266 -4.86 -11.79 -14.47
CA GLU A 266 -5.46 -11.39 -15.74
C GLU A 266 -6.79 -10.66 -15.56
N LYS A 267 -7.45 -10.85 -14.42
CA LYS A 267 -8.70 -10.13 -14.15
C LYS A 267 -8.50 -8.77 -13.47
N LEU A 268 -7.27 -8.47 -13.08
CA LEU A 268 -6.92 -7.23 -12.46
C LEU A 268 -6.13 -6.33 -13.41
N LEU A 269 -5.24 -6.92 -14.19
CA LEU A 269 -4.46 -6.17 -15.17
C LEU A 269 -5.25 -6.06 -16.47
N VAL A 270 -6.29 -5.25 -16.38
CA VAL A 270 -7.22 -4.99 -17.48
C VAL A 270 -7.17 -3.49 -17.76
N LEU A 271 -6.99 -3.11 -19.02
CA LEU A 271 -6.80 -1.70 -19.35
C LEU A 271 -8.00 -0.85 -18.96
N ASP A 272 -9.20 -1.38 -19.21
CA ASP A 272 -10.42 -0.65 -18.89
C ASP A 272 -10.64 -0.74 -17.37
N ALA A 273 -10.46 0.37 -16.68
CA ALA A 273 -10.48 0.37 -15.21
C ALA A 273 -11.85 -0.03 -14.67
N THR A 274 -12.89 0.05 -15.48
CA THR A 274 -14.25 -0.29 -15.04
C THR A 274 -14.52 -1.79 -15.13
N LYS A 275 -13.54 -2.54 -15.63
CA LYS A 275 -13.74 -3.96 -15.82
C LYS A 275 -12.83 -4.84 -14.99
N ARG A 276 -12.15 -4.24 -14.00
CA ARG A 276 -11.28 -4.99 -13.10
C ARG A 276 -12.09 -5.66 -12.01
N LEU A 277 -11.70 -6.87 -11.66
CA LEU A 277 -12.39 -7.61 -10.61
C LEU A 277 -12.09 -6.87 -9.29
C LEU A 277 -12.47 -6.84 -9.31
N GLY A 278 -13.12 -6.48 -8.55
N GLY A 278 -13.72 -6.69 -8.83
CA GLY A 278 -12.92 -5.77 -7.29
CA GLY A 278 -14.01 -5.90 -7.64
C GLY A 278 -13.39 -4.33 -7.36
C GLY A 278 -14.88 -4.66 -7.89
N CYS A 279 -13.49 -3.82 -8.57
N CYS A 279 -15.09 -4.30 -9.16
CA CYS A 279 -13.84 -2.42 -8.75
CA CYS A 279 -15.82 -3.10 -9.52
C CYS A 279 -15.35 -2.24 -8.69
C CYS A 279 -17.32 -3.39 -9.70
N GLU A 280 -15.81 -1.02 -8.48
N GLU A 280 -17.74 -4.59 -9.33
CA GLU A 280 -17.23 -0.76 -8.22
CA GLU A 280 -19.14 -4.97 -9.60
C GLU A 280 -18.12 -1.12 -9.40
C GLU A 280 -20.10 -4.10 -8.80
N GLU A 281 -17.66 -0.85 -10.62
N GLU A 281 -19.84 -3.95 -7.50
CA GLU A 281 -18.42 -1.19 -11.82
CA GLU A 281 -20.63 -3.08 -6.66
C GLU A 281 -18.47 -2.71 -12.06
C GLU A 281 -19.72 -2.26 -5.76
N MET A 282 -17.67 -3.44 -11.30
N MET A 282 -20.31 -1.41 -4.93
CA MET A 282 -17.70 -4.90 -11.33
CA MET A 282 -19.55 -0.46 -4.14
C MET A 282 -18.30 -5.46 -10.03
C MET A 282 -19.66 -0.78 -2.64
N GLU A 283 -18.89 -4.55 -9.26
N GLU A 283 -20.26 -1.92 -2.32
CA GLU A 283 -19.65 -4.85 -8.05
CA GLU A 283 -20.37 -2.33 -0.94
C GLU A 283 -18.85 -5.13 -6.76
C GLU A 283 -19.12 -3.01 -0.41
N GLY A 284 -17.62 -4.60 -6.68
N GLY A 284 -18.42 -3.74 -1.28
CA GLY A 284 -16.85 -4.42 -5.44
CA GLY A 284 -17.23 -4.45 -0.84
C GLY A 284 -16.11 -5.68 -5.01
C GLY A 284 -16.45 -5.06 -1.98
N TYR A 285 -15.88 -5.79 -3.71
N TYR A 285 -15.58 -6.00 -1.64
CA TYR A 285 -14.94 -6.78 -3.17
CA TYR A 285 -14.83 -6.76 -2.64
C TYR A 285 -15.43 -8.21 -2.94
C TYR A 285 -15.24 -8.24 -2.58
N GLY A 286 -16.70 -8.42 -2.64
N GLY A 286 -16.51 -8.47 -2.26
CA GLY A 286 -17.14 -9.78 -2.38
C GLY A 286 -16.76 -10.66 -3.58
N PRO A 287 -16.97 -10.17 -4.79
CA PRO A 287 -16.66 -10.98 -5.97
C PRO A 287 -15.16 -11.26 -6.20
N LEU A 288 -14.33 -10.34 -5.76
CA LEU A 288 -12.88 -10.53 -5.79
C LEU A 288 -12.46 -11.56 -4.71
N LYS A 289 -13.04 -11.46 -3.52
CA LYS A 289 -12.76 -12.45 -2.47
C LYS A 289 -13.20 -13.85 -2.86
N ALA A 290 -14.23 -13.93 -3.72
CA ALA A 290 -14.79 -15.17 -4.18
C ALA A 290 -14.00 -15.81 -5.33
N HIS A 291 -12.94 -15.17 -5.79
CA HIS A 291 -12.16 -15.76 -6.84
C HIS A 291 -11.58 -17.12 -6.40
N PRO A 292 -11.48 -18.09 -7.31
CA PRO A 292 -10.96 -19.42 -6.92
C PRO A 292 -9.58 -19.45 -6.27
N PHE A 293 -8.72 -18.48 -6.60
CA PHE A 293 -7.43 -18.39 -5.94
C PHE A 293 -7.57 -18.32 -4.43
N PHE A 294 -8.67 -17.74 -3.93
CA PHE A 294 -8.88 -17.55 -2.49
C PHE A 294 -9.79 -18.60 -1.84
N GLU A 295 -10.07 -19.69 -2.55
CA GLU A 295 -11.05 -20.65 -2.00
C GLU A 295 -10.80 -21.04 -0.55
N SER A 296 -9.56 -21.33 -0.18
CA SER A 296 -9.31 -21.80 1.19
C SER A 296 -9.22 -20.69 2.27
N VAL A 297 -9.35 -19.44 1.85
CA VAL A 297 -9.19 -18.32 2.78
C VAL A 297 -10.37 -18.11 3.70
N THR A 298 -10.09 -17.95 4.99
CA THR A 298 -11.09 -17.51 5.95
C THR A 298 -10.91 -16.03 6.15
N TRP A 299 -11.82 -15.24 5.60
CA TRP A 299 -11.64 -13.80 5.50
C TRP A 299 -11.87 -13.06 6.80
N GLU A 300 -12.70 -13.60 7.67
N GLU A 300 -12.72 -13.61 7.64
CA GLU A 300 -13.22 -12.85 8.82
CA GLU A 300 -12.98 -13.06 8.96
C GLU A 300 -12.17 -12.53 9.89
C GLU A 300 -11.79 -13.39 9.86
N ASN A 301 -11.20 -13.41 10.10
N ASN A 301 -11.31 -12.38 10.56
CA ASN A 301 -10.27 -13.29 11.21
CA ASN A 301 -10.21 -12.56 11.50
C ASN A 301 -8.83 -13.37 10.73
C ASN A 301 -8.84 -12.97 10.91
N LEU A 302 -8.58 -12.83 9.54
N LEU A 302 -8.62 -12.76 9.60
CA LEU A 302 -7.25 -12.90 8.96
CA LEU A 302 -7.29 -12.90 8.98
C LEU A 302 -6.19 -12.35 9.89
N HIS A 303 -6.45 -11.21 10.52
CA HIS A 303 -5.44 -10.56 11.35
C HIS A 303 -5.10 -11.31 12.63
N GLN A 304 -5.91 -12.32 12.95
CA GLN A 304 -5.66 -13.16 14.15
C GLN A 304 -5.09 -14.53 13.78
N GLN A 305 -5.05 -14.85 12.49
CA GLN A 305 -4.44 -16.09 12.03
C GLN A 305 -2.93 -16.00 12.05
N THR A 306 -2.25 -17.14 12.21
CA THR A 306 -0.80 -17.14 12.19
C THR A 306 -0.34 -17.15 10.73
N PRO A 307 0.41 -16.13 10.29
CA PRO A 307 0.83 -16.14 8.89
C PRO A 307 1.69 -17.34 8.59
N PRO A 308 1.63 -17.82 7.35
CA PRO A 308 2.52 -18.92 6.95
C PRO A 308 3.97 -18.43 6.94
N LYS A 309 4.92 -19.28 7.29
CA LYS A 309 6.34 -18.90 7.25
C LYS A 309 6.85 -18.66 5.82
N LEU A 310 7.58 -17.57 5.64
CA LEU A 310 8.11 -17.20 4.33
C LEU A 310 9.45 -17.90 4.07
N THR A 311 9.43 -18.90 3.20
CA THR A 311 10.64 -19.60 2.78
C THR A 311 10.45 -20.22 1.39
PG ATP B . 10.22 8.77 -0.08
O1G ATP B . 9.46 9.91 0.55
O2G ATP B . 11.56 9.19 -0.65
O3G ATP B . 9.39 7.86 -0.96
PB ATP B . 9.86 6.81 2.04
O1B ATP B . 10.70 5.55 2.07
O2B ATP B . 8.39 6.76 1.62
O3B ATP B . 10.71 7.79 1.10
PA ATP B . 9.33 7.47 4.85
O1A ATP B . 9.94 8.53 5.75
O2A ATP B . 7.82 7.34 4.76
O3A ATP B . 10.01 7.69 3.39
O5' ATP B . 10.01 6.07 5.22
C5' ATP B . 11.41 5.91 5.35
C4' ATP B . 11.82 4.48 5.74
O4' ATP B . 11.34 4.12 7.04
C3' ATP B . 11.27 3.42 4.81
O3' ATP B . 12.37 2.53 4.55
C2' ATP B . 10.31 2.63 5.64
O2' ATP B . 10.41 1.26 5.30
C1' ATP B . 10.74 2.85 7.09
N9 ATP B . 9.51 3.01 7.88
C8 ATP B . 8.58 3.93 7.62
N7 ATP B . 7.51 3.85 8.47
C5 ATP B . 7.85 2.83 9.31
C6 ATP B . 7.17 2.21 10.47
N6 ATP B . 5.95 2.66 10.86
N1 ATP B . 7.80 1.18 11.08
C2 ATP B . 9.01 0.71 10.64
N3 ATP B . 9.68 1.23 9.60
C4 ATP B . 9.13 2.26 8.92
H8 ATP B . 8.65 4.64 6.81
HN61 ATP B . 5.49 2.25 11.65
HN62 ATP B . 5.52 3.44 10.38
H2 ATP B . 9.45 -0.12 11.18
O18 MJF C . 0.57 20.49 9.22
C8 MJF C . 1.39 21.11 9.88
C2 MJF C . 2.59 21.73 9.22
C3 MJF C . 3.30 22.74 9.85
C4 MJF C . 4.42 23.28 9.22
C5 MJF C . 4.84 22.79 8.00
CL7 MJF C . 6.30 23.44 7.18
C6 MJF C . 4.14 21.77 7.38
C1 MJF C . 3.01 21.25 8.00
C9 MJF C . 1.24 21.19 11.39
C10 MJF C . 0.53 19.96 11.96
C11 MJF C . 0.26 20.17 13.46
C15 MJF C . -0.83 21.18 13.70
O17 MJF C . -0.98 21.60 14.87
O16 MJF C . -1.54 21.55 12.76
C12 MJF C . -0.11 18.91 14.18
O14 MJF C . -0.87 18.08 13.60
O13 MJF C . 0.31 18.74 15.36
C19 MJF C . 1.33 18.72 11.74
C24 MJF C . 1.02 17.83 10.71
C23 MJF C . 1.79 16.68 10.51
C22 MJF C . 2.86 16.37 11.36
C21 MJF C . 3.15 17.25 12.39
C20 MJF C . 2.40 18.40 12.58
S DMS D . -9.17 -9.16 8.65
O DMS D . -8.83 -10.14 10.08
C1 DMS D . -8.90 -7.44 9.17
C2 DMS D . -10.97 -9.16 8.52
MG MG E . 6.93 7.80 2.67
MG MG F . 7.36 4.68 0.92
S1 DTD G . 4.65 7.31 -12.51
C1 DTD G . 6.23 7.82 -11.94
C2 DTD G . 6.32 9.32 -11.71
O2 DTD G . 7.60 9.61 -11.16
C3 DTD G . 5.30 9.88 -10.72
O3 DTD G . 5.69 11.24 -10.44
C4 DTD G . 3.88 9.92 -11.22
S4 DTD G . 3.27 8.28 -11.45
#